data_2GEW
#
_entry.id   2GEW
#
_cell.length_a   51.110
_cell.length_b   73.256
_cell.length_c   62.432
_cell.angle_alpha   90.00
_cell.angle_beta   104.05
_cell.angle_gamma   90.00
#
_symmetry.space_group_name_H-M   'P 1 21 1'
#
loop_
_entity.id
_entity.type
_entity.pdbx_description
1 polymer 'Cholesterol oxidase'
2 non-polymer 'SULFATE ION'
3 non-polymer 'FLAVIN-ADENINE DINUCLEOTIDE'
4 non-polymer 'OXYGEN MOLECULE'
5 water water
#
_entity_poly.entity_id   1
_entity_poly.type   'polypeptide(L)'
_entity_poly.pdbx_seq_one_letter_code
;DNGGYVPAVVIGTGYGAAVSALRLGEAGVQTLMLEMGQLWNQPGPDGNIFCGMLNPDKRSSWFKNRTEAPLGSFLWLDVV
NRNIDPYAGVLDRVNYDQMSVYVGRGVGGGSLVNGGMAVEPKRSYFEEILPRVDSSEMYDRYFPRANSMLRVNHIDTKWF
EDTEWYKFARVSREQAGKAGLGTVFVPNVYDFGYMQREAAGEVPKSALATEVIYGNNHGKQSLDKTYLAAALGTGKVTIQ
TLHQVKTIRQTKDGGYALTVEQKDTDGKLLATKEISCRYLFLGAGSLGSTELLVRARDTGTLPNLNSEVGAGWGPNGNIM
TARANHMWNPTGAHQSSIPALGIDAWDNSDSSVFAEIAPMPAGLETWVSLYLAITKNPQRGTFVYDAATDRAKLNWTRDQ
NAPAVNAAKALFDRINKANGTIYRYDLFGTQLKAFADDFCYHPLGGCVLGKATDDYGRVAGYKNLYVTDGSLIPGSVGVN
PFVTITALAERNVERIIKQDVTAS
;
_entity_poly.pdbx_strand_id   A
#
loop_
_chem_comp.id
_chem_comp.type
_chem_comp.name
_chem_comp.formula
FAD non-polymer 'FLAVIN-ADENINE DINUCLEOTIDE' 'C27 H33 N9 O15 P2'
OXY non-polymer 'OXYGEN MOLECULE' O2
SO4 non-polymer 'SULFATE ION' 'O4 S -2'
#
# COMPACT_ATOMS: atom_id res chain seq x y z
N GLY A 3 0.41 18.34 24.91
CA GLY A 3 0.54 19.07 23.64
C GLY A 3 1.65 20.11 23.74
N GLY A 4 1.80 20.99 22.73
CA GLY A 4 2.81 21.94 22.61
C GLY A 4 3.50 22.00 21.27
N TYR A 5 4.53 22.80 21.21
CA TYR A 5 5.27 23.11 20.00
C TYR A 5 6.41 22.15 19.78
N VAL A 6 6.60 21.72 18.52
CA VAL A 6 7.78 20.98 18.06
C VAL A 6 8.15 21.53 16.71
N PRO A 7 9.42 21.75 16.40
CA PRO A 7 9.77 22.40 15.12
C PRO A 7 9.10 21.76 13.91
N ALA A 8 9.23 20.43 13.72
CA ALA A 8 8.58 19.77 12.63
C ALA A 8 7.60 18.72 13.19
N VAL A 9 6.42 18.63 12.58
CA VAL A 9 5.49 17.54 12.83
C VAL A 9 5.29 16.82 11.51
N VAL A 10 5.31 15.48 11.60
CA VAL A 10 4.99 14.61 10.46
C VAL A 10 3.73 13.83 10.85
N ILE A 11 2.70 13.92 10.05
CA ILE A 11 1.44 13.18 10.26
C ILE A 11 1.55 11.85 9.53
N GLY A 12 1.40 10.77 10.28
CA GLY A 12 1.50 9.42 9.74
C GLY A 12 2.92 8.88 9.87
N THR A 13 3.03 7.57 9.56
CA THR A 13 4.33 6.91 9.63
C THR A 13 4.47 5.81 8.54
N GLY A 14 3.83 6.08 7.38
CA GLY A 14 4.07 5.27 6.18
C GLY A 14 5.31 5.76 5.44
N TYR A 15 5.38 5.42 4.14
CA TYR A 15 6.60 5.64 3.35
C TYR A 15 6.97 7.12 3.27
N GLY A 16 6.02 7.96 2.84
CA GLY A 16 6.37 9.39 2.74
C GLY A 16 6.79 9.99 4.02
N ALA A 17 6.05 9.63 5.09
CA ALA A 17 6.35 10.17 6.44
C ALA A 17 7.72 9.69 6.93
N ALA A 18 8.01 8.41 6.74
CA ALA A 18 9.25 7.82 7.29
C ALA A 18 10.48 8.41 6.65
N VAL A 19 10.42 8.58 5.30
CA VAL A 19 11.53 9.19 4.62
C VAL A 19 11.74 10.62 5.15
N SER A 20 10.66 11.36 5.25
CA SER A 20 10.74 12.77 5.64
C SER A 20 11.31 12.87 7.02
N ALA A 21 10.81 12.07 7.97
CA ALA A 21 11.31 12.15 9.36
C ALA A 21 12.78 11.78 9.47
N LEU A 22 13.22 10.76 8.72
CA LEU A 22 14.64 10.41 8.78
C LEU A 22 15.49 11.61 8.35
N ARG A 23 15.16 12.19 7.22
CA ARG A 23 16.03 13.25 6.69
C ARG A 23 15.92 14.51 7.54
N LEU A 24 14.75 14.83 8.08
CA LEU A 24 14.63 15.93 9.03
C LEU A 24 15.52 15.70 10.24
N GLY A 25 15.45 14.48 10.81
CA GLY A 25 16.26 14.22 11.99
C GLY A 25 17.77 14.30 11.70
N GLU A 26 18.20 13.78 10.54
CA GLU A 26 19.61 13.87 10.15
C GLU A 26 20.03 15.32 9.96
N ALA A 27 19.12 16.20 9.59
CA ALA A 27 19.39 17.63 9.41
C ALA A 27 19.34 18.38 10.74
N GLY A 28 19.04 17.71 11.86
CA GLY A 28 19.03 18.35 13.16
C GLY A 28 17.71 18.99 13.51
N VAL A 29 16.64 18.67 12.85
CA VAL A 29 15.35 19.26 13.09
C VAL A 29 14.56 18.34 14.03
N GLN A 30 14.24 18.84 15.22
CA GLN A 30 13.44 18.06 16.14
C GLN A 30 12.05 17.83 15.56
N THR A 31 11.66 16.56 15.49
CA THR A 31 10.50 16.15 14.72
C THR A 31 9.65 15.21 15.55
N LEU A 32 8.35 15.43 15.55
CA LEU A 32 7.36 14.55 16.18
C LEU A 32 6.49 13.94 15.09
N MET A 33 6.39 12.62 15.09
CA MET A 33 5.50 11.91 14.19
C MET A 33 4.24 11.55 15.00
N LEU A 34 3.09 11.73 14.38
CA LEU A 34 1.79 11.41 14.98
C LEU A 34 1.15 10.35 14.16
N GLU A 35 0.94 9.17 14.79
CA GLU A 35 0.36 8.00 14.12
C GLU A 35 -0.93 7.61 14.80
N MET A 36 -1.98 7.45 14.03
CA MET A 36 -3.28 7.09 14.61
C MET A 36 -3.38 5.65 15.06
N GLY A 37 -2.62 4.73 14.47
CA GLY A 37 -2.59 3.35 14.87
C GLY A 37 -1.52 3.09 15.91
N GLN A 38 -1.33 1.77 16.16
CA GLN A 38 -0.41 1.30 17.22
C GLN A 38 1.02 1.14 16.75
N LEU A 39 1.93 1.15 17.71
CA LEU A 39 3.26 0.58 17.55
C LEU A 39 3.10 -0.92 17.75
N TRP A 40 3.40 -1.71 16.70
CA TRP A 40 3.14 -3.16 16.73
C TRP A 40 4.37 -3.89 17.28
N ASN A 41 4.44 -3.95 18.61
CA ASN A 41 5.56 -4.61 19.27
C ASN A 41 5.15 -5.34 20.54
N GLN A 42 3.87 -5.56 20.78
CA GLN A 42 3.46 -6.30 21.97
C GLN A 42 2.88 -7.64 21.64
N PRO A 43 3.65 -8.61 22.10
N PRO A 43 3.02 -8.80 22.29
CA PRO A 43 3.14 -9.96 21.88
CA PRO A 43 2.36 -10.05 21.89
C PRO A 43 1.70 -10.06 22.36
C PRO A 43 0.86 -10.09 22.13
N GLY A 44 0.87 -10.67 21.54
N GLY A 44 0.12 -10.68 21.18
CA GLY A 44 -0.53 -10.87 21.83
CA GLY A 44 -1.29 -10.97 21.35
C GLY A 44 -0.81 -12.22 22.48
C GLY A 44 -1.54 -12.30 22.02
N PRO A 45 -2.07 -12.56 22.56
N PRO A 45 -2.76 -12.81 22.02
CA PRO A 45 -2.50 -13.77 23.28
CA PRO A 45 -3.17 -14.02 22.76
C PRO A 45 -1.90 -15.07 22.72
C PRO A 45 -2.29 -15.22 22.54
N ASP A 46 -1.54 -15.18 21.45
CA ASP A 46 -0.86 -16.30 20.87
C ASP A 46 0.65 -16.18 20.92
N GLY A 47 1.10 -15.14 21.63
CA GLY A 47 2.50 -14.90 21.67
C GLY A 47 3.09 -14.17 20.49
N ASN A 48 2.31 -13.89 19.48
CA ASN A 48 2.78 -13.21 18.27
C ASN A 48 2.27 -11.79 18.28
N ILE A 49 2.97 -10.92 17.57
CA ILE A 49 2.47 -9.55 17.38
C ILE A 49 1.24 -9.52 16.52
N PHE A 50 1.27 -10.20 15.39
CA PHE A 50 0.25 -10.16 14.37
C PHE A 50 -0.48 -11.48 14.24
N CYS A 51 -1.76 -11.38 13.85
N CYS A 51 -1.78 -11.48 13.93
CA CYS A 51 -2.50 -12.61 13.47
CA CYS A 51 -2.36 -12.80 13.63
C CYS A 51 -2.17 -13.01 12.04
C CYS A 51 -2.05 -13.08 12.16
N GLY A 52 -2.25 -14.32 11.77
CA GLY A 52 -2.15 -14.85 10.44
C GLY A 52 -3.49 -14.89 9.73
N MET A 53 -3.43 -15.23 8.44
CA MET A 53 -4.64 -15.25 7.64
C MET A 53 -5.56 -16.41 7.96
N LEU A 54 -5.02 -17.49 8.54
CA LEU A 54 -5.89 -18.63 8.94
CA LEU A 54 -5.75 -18.67 9.00
C LEU A 54 -6.34 -18.45 10.39
C LEU A 54 -6.26 -18.52 10.43
N ASN A 55 -5.86 -17.46 11.15
CA ASN A 55 -6.32 -17.28 12.51
C ASN A 55 -6.60 -15.81 12.78
N PRO A 56 -7.44 -15.15 11.95
CA PRO A 56 -7.69 -13.73 12.16
C PRO A 56 -8.39 -13.50 13.49
N ASP A 57 -8.07 -12.40 14.13
CA ASP A 57 -8.74 -11.97 15.33
C ASP A 57 -8.83 -10.45 15.30
N LYS A 58 -9.07 -9.83 16.46
CA LYS A 58 -9.31 -8.35 16.45
C LYS A 58 -8.09 -7.59 15.89
N ARG A 59 -6.89 -8.17 16.00
CA ARG A 59 -5.70 -7.48 15.47
C ARG A 59 -5.72 -7.35 13.97
N SER A 60 -6.59 -8.10 13.29
CA SER A 60 -6.63 -8.10 11.83
C SER A 60 -7.29 -6.86 11.27
N SER A 61 -8.08 -6.13 12.08
CA SER A 61 -9.05 -5.21 11.51
C SER A 61 -9.13 -3.91 12.32
N TRP A 62 -9.18 -2.80 11.60
CA TRP A 62 -9.39 -1.50 12.21
C TRP A 62 -10.86 -1.26 12.44
N PHE A 63 -11.30 -1.44 13.69
CA PHE A 63 -12.62 -1.13 14.18
C PHE A 63 -13.72 -1.75 13.31
N LYS A 64 -13.68 -3.06 13.15
CA LYS A 64 -14.74 -3.84 12.56
C LYS A 64 -15.24 -4.82 13.60
N ASN A 65 -16.44 -5.36 13.39
CA ASN A 65 -17.01 -6.33 14.34
C ASN A 65 -16.97 -7.76 13.84
N ARG A 66 -16.34 -8.02 12.69
CA ARG A 66 -16.19 -9.34 12.17
C ARG A 66 -14.98 -9.37 11.28
N THR A 67 -14.17 -10.44 11.36
CA THR A 67 -13.06 -10.57 10.47
C THR A 67 -13.57 -10.82 9.04
N GLU A 68 -12.70 -10.60 8.06
CA GLU A 68 -12.97 -10.81 6.64
CA GLU A 68 -13.08 -10.80 6.64
C GLU A 68 -11.89 -11.65 6.02
C GLU A 68 -11.95 -11.50 5.91
N ALA A 69 -12.28 -12.45 5.04
CA ALA A 69 -11.33 -13.22 4.27
C ALA A 69 -10.58 -12.31 3.31
N PRO A 70 -9.28 -12.52 3.10
CA PRO A 70 -8.55 -11.81 2.07
C PRO A 70 -9.22 -12.02 0.71
N LEU A 71 -9.20 -10.97 -0.11
CA LEU A 71 -9.91 -10.98 -1.39
CA LEU A 71 -9.83 -11.09 -1.43
C LEU A 71 -9.40 -12.10 -2.27
C LEU A 71 -9.30 -12.24 -2.24
N GLY A 72 -10.29 -12.95 -2.79
CA GLY A 72 -10.02 -14.13 -3.53
C GLY A 72 -10.19 -15.43 -2.78
N SER A 73 -10.13 -15.36 -1.43
CA SER A 73 -10.01 -16.53 -0.61
C SER A 73 -11.27 -16.90 0.15
N PHE A 74 -12.37 -16.13 0.04
CA PHE A 74 -13.57 -16.35 0.82
C PHE A 74 -14.02 -17.81 0.79
N LEU A 75 -14.00 -18.50 -0.34
CA LEU A 75 -14.55 -19.84 -0.41
C LEU A 75 -13.80 -20.80 0.52
N TRP A 76 -12.56 -20.48 0.88
CA TRP A 76 -11.73 -21.34 1.73
C TRP A 76 -11.52 -20.77 3.11
N LEU A 77 -11.53 -19.45 3.29
CA LEU A 77 -11.18 -18.78 4.51
CA LEU A 77 -11.22 -18.96 4.63
C LEU A 77 -12.36 -18.21 5.22
C LEU A 77 -12.40 -18.34 5.32
N ASP A 78 -13.58 -18.26 4.69
CA ASP A 78 -14.70 -17.82 5.50
C ASP A 78 -14.89 -18.69 6.73
N VAL A 79 -14.50 -19.97 6.67
N VAL A 79 -14.54 -19.98 6.69
CA VAL A 79 -14.65 -20.88 7.79
CA VAL A 79 -14.79 -20.77 7.90
C VAL A 79 -13.86 -20.44 9.01
C VAL A 79 -13.95 -20.26 9.08
N VAL A 80 -12.80 -19.63 8.86
CA VAL A 80 -12.04 -19.14 10.03
C VAL A 80 -12.51 -17.78 10.47
N ASN A 81 -13.48 -17.13 9.80
CA ASN A 81 -13.91 -15.82 10.22
C ASN A 81 -14.67 -15.91 11.57
N ARG A 82 -14.53 -14.87 12.37
CA ARG A 82 -15.12 -14.78 13.69
C ARG A 82 -15.55 -13.36 13.99
N ASN A 83 -16.50 -13.25 14.88
CA ASN A 83 -16.86 -11.96 15.46
C ASN A 83 -15.74 -11.49 16.32
N ILE A 84 -15.49 -10.16 16.31
CA ILE A 84 -14.39 -9.55 17.04
C ILE A 84 -14.90 -8.26 17.68
N ASP A 85 -14.23 -7.85 18.72
CA ASP A 85 -14.40 -6.52 19.27
C ASP A 85 -13.82 -5.49 18.36
N PRO A 86 -14.48 -4.36 18.15
CA PRO A 86 -13.84 -3.29 17.42
C PRO A 86 -12.58 -2.83 18.17
N TYR A 87 -11.44 -2.82 17.46
CA TYR A 87 -10.14 -2.64 18.01
C TYR A 87 -9.23 -1.92 17.03
N ALA A 88 -8.15 -1.35 17.52
CA ALA A 88 -7.18 -0.66 16.68
C ALA A 88 -6.27 -1.66 15.94
N GLY A 89 -6.85 -2.53 15.12
CA GLY A 89 -6.10 -3.51 14.38
C GLY A 89 -5.39 -2.93 13.17
N VAL A 90 -4.70 -3.82 12.41
CA VAL A 90 -3.64 -3.35 11.52
C VAL A 90 -4.11 -3.01 10.13
N LEU A 91 -5.21 -3.58 9.67
CA LEU A 91 -5.69 -3.43 8.29
C LEU A 91 -7.04 -2.77 8.30
N ASP A 92 -7.18 -1.65 7.60
CA ASP A 92 -8.43 -0.92 7.51
C ASP A 92 -8.99 -1.01 6.11
N ARG A 93 -10.13 -1.66 5.95
CA ARG A 93 -10.93 -1.58 4.73
C ARG A 93 -11.85 -0.33 4.84
N VAL A 94 -11.51 0.68 4.08
CA VAL A 94 -12.25 1.93 4.07
C VAL A 94 -13.29 1.87 2.97
N ASN A 95 -14.57 1.86 3.34
CA ASN A 95 -15.65 1.71 2.37
C ASN A 95 -16.21 3.05 1.95
N TYR A 96 -16.10 3.30 0.67
CA TYR A 96 -16.76 4.40 -0.04
C TYR A 96 -17.93 3.82 -0.79
N ASP A 97 -18.68 4.70 -1.45
CA ASP A 97 -19.88 4.33 -2.18
CA ASP A 97 -19.92 4.17 -2.06
C ASP A 97 -19.72 3.11 -3.09
C ASP A 97 -19.66 3.02 -3.05
N GLN A 98 -18.69 3.14 -3.92
CA GLN A 98 -18.47 2.07 -4.91
C GLN A 98 -17.00 1.63 -5.01
N MET A 99 -16.28 1.79 -3.89
CA MET A 99 -14.87 1.47 -3.87
C MET A 99 -14.51 1.18 -2.39
N SER A 100 -13.78 0.10 -2.15
CA SER A 100 -13.24 -0.23 -0.83
C SER A 100 -11.71 -0.13 -0.92
N VAL A 101 -11.14 0.75 -0.14
CA VAL A 101 -9.68 1.00 -0.19
C VAL A 101 -9.07 0.39 1.06
N TYR A 102 -8.07 -0.47 0.90
CA TYR A 102 -7.40 -1.08 2.02
C TYR A 102 -6.13 -0.36 2.35
N VAL A 103 -5.94 -0.04 3.64
CA VAL A 103 -4.78 0.70 4.10
C VAL A 103 -4.31 0.12 5.42
N GLY A 104 -3.00 0.28 5.66
CA GLY A 104 -2.45 -0.11 6.96
C GLY A 104 -2.65 0.97 8.03
N ARG A 105 -2.73 0.53 9.27
CA ARG A 105 -2.86 1.38 10.43
C ARG A 105 -1.87 0.99 11.49
N GLY A 106 -0.85 1.83 11.72
CA GLY A 106 0.16 1.55 12.69
C GLY A 106 1.45 2.20 12.34
N VAL A 107 2.44 2.03 13.22
CA VAL A 107 3.77 2.63 12.98
C VAL A 107 4.42 1.82 11.84
N GLY A 108 4.53 2.48 10.71
CA GLY A 108 4.92 1.84 9.47
C GLY A 108 3.82 1.83 8.40
N GLY A 109 2.61 2.21 8.69
CA GLY A 109 1.57 2.31 7.70
C GLY A 109 1.41 1.03 6.87
N GLY A 110 1.24 1.22 5.57
CA GLY A 110 1.01 0.10 4.68
C GLY A 110 2.17 -0.88 4.61
N SER A 111 3.35 -0.45 5.01
CA SER A 111 4.47 -1.39 5.05
C SER A 111 4.22 -2.55 5.99
N LEU A 112 3.31 -2.38 6.96
CA LEU A 112 3.01 -3.50 7.85
C LEU A 112 2.25 -4.62 7.13
N VAL A 113 1.37 -4.26 6.21
CA VAL A 113 0.38 -5.17 5.62
C VAL A 113 0.63 -5.53 4.17
N ASN A 114 1.58 -4.87 3.53
CA ASN A 114 1.72 -5.04 2.09
C ASN A 114 2.52 -6.30 1.75
N GLY A 115 2.55 -6.62 0.48
CA GLY A 115 3.23 -7.80 0.00
C GLY A 115 4.71 -7.64 -0.21
N GLY A 116 5.26 -6.49 0.15
CA GLY A 116 6.70 -6.27 0.08
C GLY A 116 7.29 -6.00 -1.30
N MET A 117 6.46 -6.02 -2.34
CA MET A 117 6.98 -5.98 -3.71
C MET A 117 7.53 -4.61 -4.02
N ALA A 118 8.82 -4.54 -4.34
CA ALA A 118 9.57 -3.31 -4.47
C ALA A 118 10.00 -3.17 -5.91
N VAL A 119 9.27 -2.32 -6.66
CA VAL A 119 9.39 -2.28 -8.11
C VAL A 119 9.57 -0.83 -8.55
N GLU A 120 10.60 -0.56 -9.34
CA GLU A 120 10.77 0.74 -9.97
CA GLU A 120 10.79 0.77 -9.92
C GLU A 120 9.81 0.84 -11.14
C GLU A 120 9.92 0.89 -11.15
N PRO A 121 9.23 2.02 -11.34
CA PRO A 121 8.42 2.17 -12.55
C PRO A 121 9.28 2.26 -13.78
N LYS A 122 8.63 1.98 -14.92
CA LYS A 122 9.30 2.20 -16.21
C LYS A 122 9.59 3.66 -16.41
N ARG A 123 10.82 3.98 -16.78
CA ARG A 123 11.16 5.40 -16.89
C ARG A 123 10.32 6.14 -17.88
N SER A 124 10.03 5.55 -19.03
CA SER A 124 9.19 6.25 -20.01
C SER A 124 7.79 6.50 -19.47
N TYR A 125 7.29 5.63 -18.60
CA TYR A 125 5.98 5.87 -17.98
C TYR A 125 6.05 6.93 -16.90
N PHE A 126 7.12 6.90 -16.08
CA PHE A 126 7.35 7.97 -15.12
C PHE A 126 7.31 9.34 -15.83
N GLU A 127 8.02 9.43 -16.97
CA GLU A 127 8.09 10.67 -17.71
C GLU A 127 6.71 11.08 -18.26
N GLU A 128 5.85 10.16 -18.61
CA GLU A 128 4.49 10.42 -19.04
C GLU A 128 3.64 10.92 -17.90
N ILE A 129 3.71 10.32 -16.72
CA ILE A 129 2.81 10.72 -15.64
C ILE A 129 3.26 11.99 -14.91
N LEU A 130 4.56 12.24 -14.88
CA LEU A 130 5.14 13.36 -14.14
C LEU A 130 6.14 14.14 -15.03
N PRO A 131 5.61 14.75 -16.11
CA PRO A 131 6.53 15.45 -17.05
C PRO A 131 7.25 16.60 -16.46
N ARG A 132 6.77 17.18 -15.38
CA ARG A 132 7.42 18.34 -14.78
C ARG A 132 8.60 17.97 -13.89
N VAL A 133 8.80 16.70 -13.61
CA VAL A 133 9.88 16.22 -12.75
C VAL A 133 11.10 15.86 -13.56
N ASP A 134 12.29 16.14 -13.06
N ASP A 134 12.29 16.20 -13.08
CA ASP A 134 13.54 15.75 -13.74
CA ASP A 134 13.51 15.75 -13.77
C ASP A 134 13.75 14.26 -13.51
C ASP A 134 13.68 14.27 -13.48
N SER A 135 13.54 13.49 -14.55
CA SER A 135 13.64 12.05 -14.43
C SER A 135 15.09 11.54 -14.25
N SER A 136 16.07 12.27 -14.77
CA SER A 136 17.46 11.82 -14.58
C SER A 136 17.79 11.81 -13.11
N GLU A 137 17.43 12.81 -12.32
CA GLU A 137 17.75 12.80 -10.89
CA GLU A 137 17.76 12.71 -10.90
CA GLU A 137 17.69 12.78 -10.90
C GLU A 137 16.98 11.73 -10.17
C GLU A 137 17.06 11.52 -10.24
C GLU A 137 17.05 11.58 -10.22
N MET A 138 15.80 11.34 -10.60
CA MET A 138 15.07 10.24 -10.00
C MET A 138 15.81 8.94 -10.24
N TYR A 139 16.19 8.64 -11.48
CA TYR A 139 16.80 7.38 -11.77
C TYR A 139 18.26 7.31 -11.36
N ASP A 140 18.98 8.43 -11.40
CA ASP A 140 20.38 8.47 -11.01
C ASP A 140 20.61 8.48 -9.52
N ARG A 141 19.73 9.15 -8.75
CA ARG A 141 19.97 9.42 -7.34
C ARG A 141 18.91 8.81 -6.44
N TYR A 142 17.63 9.14 -6.68
CA TYR A 142 16.61 8.85 -5.65
C TYR A 142 16.04 7.44 -5.67
N PHE A 143 15.86 6.83 -6.85
CA PHE A 143 15.51 5.40 -6.90
C PHE A 143 16.65 4.58 -6.23
N PRO A 144 17.91 4.79 -6.57
CA PRO A 144 18.95 3.97 -5.84
C PRO A 144 18.95 4.18 -4.36
N ARG A 145 18.75 5.38 -3.86
CA ARG A 145 18.75 5.68 -2.44
C ARG A 145 17.60 4.92 -1.80
N ALA A 146 16.41 4.97 -2.35
CA ALA A 146 15.25 4.21 -1.85
C ALA A 146 15.54 2.72 -1.82
N ASN A 147 16.11 2.18 -2.91
CA ASN A 147 16.39 0.76 -3.00
C ASN A 147 17.23 0.31 -1.82
N SER A 148 18.27 1.06 -1.53
CA SER A 148 19.21 0.67 -0.46
C SER A 148 18.55 0.81 0.92
N MET A 149 17.90 1.96 1.18
CA MET A 149 17.35 2.19 2.48
C MET A 149 16.20 1.25 2.82
N LEU A 150 15.40 0.87 1.81
CA LEU A 150 14.27 -0.02 2.04
C LEU A 150 14.72 -1.48 2.29
N ARG A 151 15.99 -1.80 2.02
CA ARG A 151 16.53 -3.15 2.16
C ARG A 151 15.87 -4.09 1.15
N VAL A 152 15.66 -3.59 -0.08
CA VAL A 152 15.23 -4.43 -1.18
C VAL A 152 16.21 -5.58 -1.38
N ASN A 153 15.71 -6.77 -1.64
CA ASN A 153 16.53 -7.92 -1.94
C ASN A 153 15.86 -8.75 -3.01
N HIS A 154 16.52 -9.81 -3.43
CA HIS A 154 16.21 -10.57 -4.61
C HIS A 154 16.22 -12.04 -4.31
N ILE A 155 15.18 -12.74 -4.78
CA ILE A 155 15.09 -14.15 -4.52
C ILE A 155 16.22 -14.90 -5.21
N ASP A 156 16.71 -15.96 -4.60
CA ASP A 156 17.66 -16.89 -5.21
C ASP A 156 16.87 -17.68 -6.26
N THR A 157 17.21 -17.50 -7.55
CA THR A 157 16.35 -18.05 -8.59
C THR A 157 16.49 -19.51 -8.64
N LYS A 158 17.61 -20.10 -8.24
CA LYS A 158 17.73 -21.56 -8.21
C LYS A 158 16.87 -22.12 -7.10
N TRP A 159 16.89 -21.50 -5.90
CA TRP A 159 16.02 -21.95 -4.82
C TRP A 159 14.56 -21.83 -5.18
N PHE A 160 14.16 -20.75 -5.80
CA PHE A 160 12.83 -20.54 -6.36
C PHE A 160 12.38 -21.72 -7.20
N GLU A 161 13.26 -22.21 -8.08
CA GLU A 161 12.91 -23.24 -9.02
C GLU A 161 12.56 -24.51 -8.28
N ASP A 162 13.18 -24.81 -7.19
CA ASP A 162 13.16 -26.10 -6.52
C ASP A 162 12.11 -26.15 -5.45
N THR A 163 11.69 -25.07 -4.87
CA THR A 163 10.88 -25.14 -3.66
C THR A 163 9.40 -25.33 -3.92
N GLU A 164 8.79 -26.16 -3.11
CA GLU A 164 7.36 -26.40 -3.16
CA GLU A 164 7.35 -26.36 -3.28
C GLU A 164 6.59 -25.09 -3.00
C GLU A 164 6.52 -25.13 -2.91
N TRP A 165 7.14 -24.18 -2.19
CA TRP A 165 6.44 -22.94 -1.80
C TRP A 165 6.17 -21.99 -2.96
N TYR A 166 6.80 -22.21 -4.11
CA TYR A 166 6.61 -21.39 -5.30
C TYR A 166 6.06 -22.20 -6.49
N LYS A 167 5.54 -23.40 -6.23
CA LYS A 167 4.90 -24.13 -7.31
C LYS A 167 3.84 -23.29 -7.96
N PHE A 168 3.04 -22.52 -7.17
CA PHE A 168 1.97 -21.75 -7.76
C PHE A 168 2.50 -20.80 -8.81
N ALA A 169 3.66 -20.20 -8.55
CA ALA A 169 4.25 -19.21 -9.46
C ALA A 169 4.74 -19.90 -10.73
N ARG A 170 5.37 -21.05 -10.57
CA ARG A 170 5.87 -21.82 -11.70
C ARG A 170 4.75 -22.28 -12.62
N VAL A 171 3.61 -22.65 -12.05
CA VAL A 171 2.47 -23.07 -12.88
C VAL A 171 2.01 -21.90 -13.73
N SER A 172 1.80 -20.69 -13.13
CA SER A 172 1.41 -19.57 -13.94
C SER A 172 2.49 -19.19 -14.95
N ARG A 173 3.74 -19.32 -14.61
CA ARG A 173 4.80 -19.02 -15.58
C ARG A 173 4.68 -19.96 -16.78
N GLU A 174 4.44 -21.24 -16.55
CA GLU A 174 4.30 -22.19 -17.67
CA GLU A 174 4.39 -22.15 -17.70
C GLU A 174 3.14 -21.81 -18.58
C GLU A 174 3.14 -21.88 -18.51
N GLN A 175 2.00 -21.54 -17.91
CA GLN A 175 0.77 -21.23 -18.62
C GLN A 175 0.96 -19.94 -19.42
N ALA A 176 1.50 -18.86 -18.83
CA ALA A 176 1.78 -17.66 -19.53
C ALA A 176 2.68 -17.91 -20.75
N GLY A 177 3.68 -18.76 -20.56
CA GLY A 177 4.66 -19.09 -21.57
CA GLY A 177 4.64 -19.02 -21.62
C GLY A 177 4.06 -19.73 -22.79
C GLY A 177 3.90 -19.53 -22.84
N LYS A 178 2.96 -20.46 -22.62
CA LYS A 178 2.24 -21.04 -23.75
C LYS A 178 1.53 -19.97 -24.56
N ALA A 179 1.21 -18.84 -23.95
CA ALA A 179 0.59 -17.69 -24.55
C ALA A 179 1.66 -16.75 -25.09
N GLY A 180 2.94 -17.13 -25.04
CA GLY A 180 4.00 -16.26 -25.55
C GLY A 180 4.31 -15.11 -24.63
N LEU A 181 4.10 -15.26 -23.35
N LEU A 181 3.73 -15.05 -23.44
CA LEU A 181 4.42 -14.29 -22.33
CA LEU A 181 3.80 -13.92 -22.52
C LEU A 181 5.44 -14.84 -21.35
C LEU A 181 4.96 -14.17 -21.57
N GLY A 182 6.48 -14.10 -21.17
N GLY A 182 5.57 -13.10 -21.05
CA GLY A 182 7.48 -14.37 -20.15
CA GLY A 182 6.71 -13.49 -20.21
C GLY A 182 7.08 -13.80 -18.82
C GLY A 182 6.44 -13.10 -18.80
N THR A 183 7.90 -14.10 -17.78
N THR A 183 7.32 -13.42 -17.87
CA THR A 183 7.67 -13.61 -16.41
CA THR A 183 7.28 -13.08 -16.47
C THR A 183 8.90 -12.82 -15.97
C THR A 183 8.63 -12.45 -16.13
N VAL A 184 8.70 -12.01 -14.90
CA VAL A 184 9.82 -11.31 -14.28
C VAL A 184 9.82 -11.66 -12.80
N PHE A 185 11.03 -11.73 -12.24
CA PHE A 185 11.16 -11.78 -10.78
C PHE A 185 10.95 -10.37 -10.21
N VAL A 186 10.27 -10.35 -9.07
CA VAL A 186 9.90 -9.10 -8.40
C VAL A 186 10.72 -8.94 -7.15
N PRO A 187 11.55 -7.90 -7.03
CA PRO A 187 12.30 -7.66 -5.78
C PRO A 187 11.33 -7.44 -4.65
N ASN A 188 11.83 -7.61 -3.41
CA ASN A 188 10.96 -7.53 -2.22
C ASN A 188 11.75 -7.02 -1.03
N VAL A 189 11.02 -6.50 -0.04
CA VAL A 189 11.64 -6.20 1.27
C VAL A 189 11.50 -7.34 2.24
N TYR A 190 10.77 -8.41 1.92
CA TYR A 190 10.83 -9.64 2.73
C TYR A 190 12.18 -10.30 2.46
N ASP A 191 12.89 -10.65 3.55
CA ASP A 191 14.24 -11.18 3.36
CA ASP A 191 14.21 -11.29 3.46
C ASP A 191 14.16 -12.60 2.85
C ASP A 191 14.07 -12.67 2.83
N PHE A 192 14.62 -12.81 1.61
CA PHE A 192 14.51 -14.11 0.94
C PHE A 192 15.48 -15.12 1.56
N GLY A 193 16.54 -14.66 2.20
CA GLY A 193 17.39 -15.59 2.97
C GLY A 193 16.62 -16.13 4.18
N TYR A 194 15.92 -15.28 4.89
CA TYR A 194 15.03 -15.72 5.97
C TYR A 194 14.06 -16.76 5.42
N MET A 195 13.47 -16.51 4.26
CA MET A 195 12.47 -17.42 3.70
C MET A 195 13.08 -18.78 3.44
N GLN A 196 14.33 -18.85 2.98
CA GLN A 196 15.00 -20.15 2.81
CA GLN A 196 15.00 -20.16 2.88
C GLN A 196 15.15 -20.83 4.20
C GLN A 196 15.07 -20.84 4.24
N ARG A 197 15.45 -20.09 5.27
CA ARG A 197 15.60 -20.65 6.61
CA ARG A 197 15.58 -20.64 6.61
C ARG A 197 14.22 -21.16 7.10
N GLU A 198 13.15 -20.48 6.72
CA GLU A 198 11.79 -20.92 7.05
C GLU A 198 11.49 -22.26 6.44
N ALA A 199 11.80 -22.36 5.14
CA ALA A 199 11.45 -23.59 4.45
C ALA A 199 12.28 -24.75 5.00
N ALA A 200 13.48 -24.49 5.47
CA ALA A 200 14.37 -25.50 6.08
C ALA A 200 13.97 -25.83 7.50
N GLY A 201 13.00 -25.13 8.10
CA GLY A 201 12.62 -25.43 9.50
C GLY A 201 13.49 -24.85 10.56
N GLU A 202 14.30 -23.84 10.27
CA GLU A 202 15.31 -23.32 11.19
C GLU A 202 14.93 -22.07 11.97
N VAL A 203 13.87 -21.40 11.46
CA VAL A 203 13.39 -20.16 12.06
C VAL A 203 11.87 -20.23 11.98
N PRO A 204 11.17 -19.48 12.81
CA PRO A 204 9.73 -19.44 12.72
C PRO A 204 9.22 -19.01 11.33
N LYS A 205 8.20 -19.71 10.86
CA LYS A 205 7.59 -19.36 9.56
C LYS A 205 6.69 -18.16 9.71
N SER A 206 6.68 -17.34 8.67
CA SER A 206 5.80 -16.19 8.55
C SER A 206 5.24 -16.19 7.14
N ALA A 207 6.01 -15.83 6.11
CA ALA A 207 5.55 -15.98 4.76
C ALA A 207 5.12 -17.40 4.46
N LEU A 208 5.79 -18.39 5.07
CA LEU A 208 5.47 -19.78 4.83
C LEU A 208 4.50 -20.34 5.85
N ALA A 209 3.80 -19.46 6.56
CA ALA A 209 2.71 -19.81 7.49
C ALA A 209 1.53 -18.90 7.31
N THR A 210 1.22 -18.55 6.06
CA THR A 210 0.02 -17.81 5.70
C THR A 210 -0.08 -16.54 6.53
N GLU A 211 1.00 -15.72 6.55
CA GLU A 211 1.01 -14.38 7.08
C GLU A 211 1.41 -13.40 6.00
N VAL A 212 0.69 -12.29 5.86
CA VAL A 212 1.15 -11.11 5.17
C VAL A 212 0.22 -9.92 5.40
N ILE A 213 -1.07 -10.10 5.16
CA ILE A 213 -1.97 -8.96 5.05
C ILE A 213 -2.40 -8.40 6.38
N TYR A 214 -2.20 -9.17 7.48
CA TYR A 214 -2.38 -8.68 8.82
C TYR A 214 -1.04 -8.51 9.52
N GLY A 215 0.05 -8.39 8.73
CA GLY A 215 1.38 -8.27 9.28
C GLY A 215 2.16 -9.59 9.15
N ASN A 216 3.46 -9.46 9.17
CA ASN A 216 4.38 -10.58 9.22
C ASN A 216 5.14 -10.55 10.52
N ASN A 217 5.02 -11.63 11.32
CA ASN A 217 5.77 -11.71 12.57
C ASN A 217 7.26 -11.83 12.36
N HIS A 218 7.72 -12.25 11.17
CA HIS A 218 9.13 -12.40 10.87
C HIS A 218 9.35 -12.05 9.41
N GLY A 219 10.62 -11.79 9.06
CA GLY A 219 11.04 -11.78 7.67
C GLY A 219 10.87 -10.45 6.96
N LYS A 220 9.74 -9.76 7.13
CA LYS A 220 9.40 -8.59 6.30
C LYS A 220 10.05 -7.35 6.88
N GLN A 221 10.85 -6.66 6.07
CA GLN A 221 11.48 -5.44 6.58
CA GLN A 221 11.49 -5.41 6.45
C GLN A 221 10.55 -4.25 6.31
C GLN A 221 10.51 -4.25 6.26
N SER A 222 9.53 -4.17 7.16
CA SER A 222 8.64 -3.03 7.20
C SER A 222 9.39 -1.79 7.68
N LEU A 223 8.72 -0.62 7.58
CA LEU A 223 9.41 0.64 7.79
C LEU A 223 9.88 0.84 9.22
N ASP A 224 9.21 0.20 10.17
CA ASP A 224 9.66 0.25 11.57
C ASP A 224 11.09 -0.30 11.74
N LYS A 225 11.50 -1.24 10.89
CA LYS A 225 12.84 -1.80 10.89
C LYS A 225 13.82 -0.99 10.09
N THR A 226 13.39 -0.20 9.08
CA THR A 226 14.31 0.46 8.14
C THR A 226 14.27 1.96 8.44
N TYR A 227 13.52 2.73 7.67
CA TYR A 227 13.53 4.17 7.81
C TYR A 227 13.18 4.66 9.18
N LEU A 228 12.14 4.08 9.82
CA LEU A 228 11.74 4.63 11.11
C LEU A 228 12.75 4.30 12.23
N ALA A 229 13.32 3.10 12.19
CA ALA A 229 14.39 2.79 13.14
C ALA A 229 15.55 3.79 12.98
N ALA A 230 15.90 4.08 11.74
CA ALA A 230 16.98 5.03 11.48
C ALA A 230 16.58 6.43 11.96
N ALA A 231 15.32 6.82 11.74
CA ALA A 231 14.87 8.11 12.19
C ALA A 231 14.98 8.23 13.69
N LEU A 232 14.48 7.21 14.43
CA LEU A 232 14.65 7.23 15.90
C LEU A 232 16.11 7.31 16.31
N GLY A 233 16.96 6.62 15.54
CA GLY A 233 18.40 6.62 15.84
C GLY A 233 19.10 7.95 15.67
N THR A 234 18.50 8.92 15.02
CA THR A 234 19.10 10.25 14.88
C THR A 234 19.10 11.02 16.21
N GLY A 235 18.24 10.62 17.16
CA GLY A 235 18.07 11.33 18.40
C GLY A 235 17.16 12.52 18.29
N LYS A 236 16.60 12.81 17.11
CA LYS A 236 15.82 14.02 16.87
C LYS A 236 14.39 13.72 16.50
N VAL A 237 13.95 12.46 16.58
CA VAL A 237 12.63 12.06 16.14
C VAL A 237 11.95 11.31 17.24
N THR A 238 10.70 11.61 17.52
CA THR A 238 9.86 10.80 18.41
C THR A 238 8.56 10.47 17.69
N ILE A 239 7.94 9.40 18.11
CA ILE A 239 6.68 8.91 17.52
C ILE A 239 5.64 8.74 18.64
N GLN A 240 4.49 9.39 18.47
CA GLN A 240 3.37 9.22 19.37
C GLN A 240 2.27 8.48 18.64
N THR A 241 1.80 7.41 19.26
CA THR A 241 0.85 6.48 18.65
C THR A 241 -0.55 6.66 19.20
N LEU A 242 -1.53 6.10 18.50
CA LEU A 242 -2.94 6.29 18.86
C LEU A 242 -3.31 7.79 18.95
N HIS A 243 -2.64 8.59 18.11
CA HIS A 243 -2.86 10.03 18.00
C HIS A 243 -3.30 10.33 16.55
N GLN A 244 -4.54 10.74 16.38
CA GLN A 244 -5.10 11.01 15.06
C GLN A 244 -5.24 12.54 14.91
N VAL A 245 -4.59 13.09 13.92
CA VAL A 245 -4.76 14.53 13.63
C VAL A 245 -6.14 14.70 12.99
N LYS A 246 -6.90 15.67 13.51
CA LYS A 246 -8.26 15.97 13.09
CA LYS A 246 -8.20 16.01 12.90
C LYS A 246 -8.38 17.29 12.35
C LYS A 246 -8.17 17.30 12.08
N THR A 247 -7.70 18.35 12.75
CA THR A 247 -7.79 19.67 12.11
C THR A 247 -6.40 20.31 12.04
N ILE A 248 -6.26 21.17 11.06
CA ILE A 248 -5.03 21.93 10.79
C ILE A 248 -5.43 23.40 10.61
N ARG A 249 -4.78 24.30 11.32
CA ARG A 249 -5.10 25.74 11.25
C ARG A 249 -3.81 26.54 11.46
N GLN A 250 -3.98 27.84 11.32
CA GLN A 250 -2.92 28.87 11.59
CA GLN A 250 -2.84 28.72 11.72
C GLN A 250 -3.26 29.65 12.80
C GLN A 250 -3.28 29.57 12.89
N THR A 251 -2.24 30.03 13.61
CA THR A 251 -2.45 30.86 14.79
C THR A 251 -1.44 31.98 14.81
N LYS A 252 -1.53 32.84 15.82
CA LYS A 252 -0.57 33.93 16.01
C LYS A 252 0.83 33.43 16.25
N ASP A 253 1.04 32.16 16.59
CA ASP A 253 2.37 31.63 16.79
C ASP A 253 3.21 31.54 15.54
N GLY A 254 2.61 31.58 14.36
CA GLY A 254 3.24 31.18 13.16
C GLY A 254 3.15 29.70 12.93
N GLY A 255 3.46 29.23 11.73
CA GLY A 255 3.41 27.84 11.44
C GLY A 255 1.98 27.30 11.50
N TYR A 256 1.83 26.11 12.04
CA TYR A 256 0.54 25.40 12.03
C TYR A 256 0.24 24.84 13.40
N ALA A 257 -1.06 24.74 13.68
CA ALA A 257 -1.58 24.18 14.89
C ALA A 257 -2.57 23.08 14.54
N LEU A 258 -2.46 21.97 15.27
CA LEU A 258 -3.20 20.75 15.05
C LEU A 258 -4.08 20.44 16.26
N THR A 259 -5.26 19.93 15.95
CA THR A 259 -6.03 19.28 17.00
C THR A 259 -5.84 17.79 16.77
N VAL A 260 -5.51 17.09 17.88
CA VAL A 260 -5.04 15.70 17.82
C VAL A 260 -5.78 14.90 18.89
N GLU A 261 -6.50 13.87 18.45
CA GLU A 261 -7.22 13.02 19.38
C GLU A 261 -6.35 11.85 19.80
N GLN A 262 -6.22 11.63 21.09
CA GLN A 262 -5.55 10.46 21.64
C GLN A 262 -6.65 9.48 22.06
N LYS A 263 -6.60 8.26 21.54
CA LYS A 263 -7.54 7.23 21.86
C LYS A 263 -6.81 6.03 22.46
N ASP A 264 -7.58 5.16 23.10
CA ASP A 264 -7.04 3.82 23.47
C ASP A 264 -7.32 2.86 22.32
N THR A 265 -6.87 1.59 22.49
CA THR A 265 -7.03 0.58 21.47
C THR A 265 -8.48 0.13 21.29
N ASP A 266 -9.36 0.50 22.20
CA ASP A 266 -10.79 0.26 22.07
C ASP A 266 -11.50 1.42 21.38
N GLY A 267 -10.75 2.44 21.00
CA GLY A 267 -11.34 3.62 20.36
C GLY A 267 -11.90 4.64 21.30
N LYS A 268 -11.69 4.50 22.61
CA LYS A 268 -12.21 5.51 23.52
C LYS A 268 -11.33 6.76 23.48
N LEU A 269 -11.95 7.93 23.46
CA LEU A 269 -11.26 9.17 23.46
C LEU A 269 -10.70 9.47 24.80
N LEU A 270 -9.40 9.60 24.94
CA LEU A 270 -8.70 9.91 26.16
C LEU A 270 -8.37 11.39 26.32
N ALA A 271 -8.06 12.10 25.26
CA ALA A 271 -7.61 13.47 25.32
C ALA A 271 -7.70 14.05 23.92
N THR A 272 -7.90 15.36 23.85
CA THR A 272 -7.68 16.13 22.62
C THR A 272 -6.54 17.10 22.93
N LYS A 273 -5.51 17.05 22.14
CA LYS A 273 -4.31 17.86 22.32
C LYS A 273 -4.14 18.86 21.26
N GLU A 274 -3.51 19.94 21.66
CA GLU A 274 -3.07 21.02 20.77
C GLU A 274 -1.58 20.88 20.54
N ILE A 275 -1.17 20.57 19.33
CA ILE A 275 0.23 20.41 18.95
C ILE A 275 0.52 21.40 17.85
N SER A 276 1.62 22.10 17.88
CA SER A 276 1.92 23.09 16.89
C SER A 276 3.37 22.92 16.40
N CYS A 277 3.67 23.59 15.28
CA CYS A 277 4.97 23.38 14.63
C CYS A 277 5.26 24.53 13.72
N ARG A 278 6.53 24.55 13.28
CA ARG A 278 7.00 25.47 12.26
C ARG A 278 6.81 24.86 10.86
N TYR A 279 7.19 23.59 10.72
CA TYR A 279 7.10 22.87 9.44
C TYR A 279 6.13 21.70 9.63
N LEU A 280 5.14 21.56 8.74
CA LEU A 280 4.14 20.50 8.84
C LEU A 280 4.20 19.64 7.57
N PHE A 281 4.45 18.34 7.79
CA PHE A 281 4.53 17.37 6.73
C PHE A 281 3.38 16.35 6.86
N LEU A 282 2.61 16.22 5.79
CA LEU A 282 1.51 15.28 5.74
C LEU A 282 1.98 14.00 5.07
N GLY A 283 1.91 12.92 5.80
CA GLY A 283 2.24 11.58 5.33
C GLY A 283 1.15 10.61 5.77
N ALA A 284 -0.10 11.05 5.74
CA ALA A 284 -1.28 10.26 6.14
C ALA A 284 -1.85 9.40 5.05
N GLY A 285 -1.16 9.30 3.92
CA GLY A 285 -1.57 8.49 2.78
C GLY A 285 -2.47 9.23 1.82
N SER A 286 -2.69 8.62 0.65
CA SER A 286 -3.66 9.14 -0.32
C SER A 286 -4.97 9.50 0.34
N LEU A 287 -5.51 8.58 1.17
CA LEU A 287 -6.80 8.87 1.80
CA LEU A 287 -7.23 9.17 1.85
C LEU A 287 -6.64 9.91 2.89
C LEU A 287 -6.85 9.90 3.13
N GLY A 288 -5.70 9.72 3.80
CA GLY A 288 -5.62 10.51 5.02
C GLY A 288 -5.14 11.94 4.80
N SER A 289 -4.15 12.11 3.96
CA SER A 289 -3.65 13.48 3.69
C SER A 289 -4.70 14.26 2.93
N THR A 290 -5.30 13.63 1.92
CA THR A 290 -6.33 14.31 1.15
C THR A 290 -7.49 14.70 2.04
N GLU A 291 -7.93 13.80 2.94
CA GLU A 291 -9.06 14.15 3.82
C GLU A 291 -8.72 15.33 4.69
N LEU A 292 -7.49 15.36 5.25
CA LEU A 292 -7.12 16.52 6.08
C LEU A 292 -7.19 17.81 5.33
N LEU A 293 -6.70 17.85 4.08
CA LEU A 293 -6.69 19.09 3.34
C LEU A 293 -8.07 19.45 2.80
N VAL A 294 -8.86 18.50 2.32
CA VAL A 294 -10.23 18.82 1.91
C VAL A 294 -10.98 19.39 3.10
N ARG A 295 -10.87 18.75 4.26
CA ARG A 295 -11.54 19.26 5.45
C ARG A 295 -11.06 20.66 5.79
N ALA A 296 -9.75 20.92 5.78
CA ALA A 296 -9.25 22.26 6.12
C ALA A 296 -9.76 23.32 5.15
N ARG A 297 -9.82 22.99 3.87
CA ARG A 297 -10.33 23.95 2.92
C ARG A 297 -11.82 24.22 3.19
N ASP A 298 -12.60 23.15 3.28
CA ASP A 298 -14.07 23.27 3.24
C ASP A 298 -14.67 23.61 4.60
N THR A 299 -13.90 23.54 5.67
CA THR A 299 -14.31 24.05 6.97
C THR A 299 -13.66 25.37 7.34
N GLY A 300 -12.87 25.92 6.40
CA GLY A 300 -12.39 27.27 6.52
C GLY A 300 -11.21 27.47 7.41
N THR A 301 -10.48 26.43 7.76
CA THR A 301 -9.28 26.61 8.57
C THR A 301 -8.05 26.89 7.72
N LEU A 302 -8.01 26.38 6.50
CA LEU A 302 -6.97 26.71 5.49
C LEU A 302 -7.69 27.11 4.20
N PRO A 303 -8.32 28.30 4.18
CA PRO A 303 -9.25 28.63 3.11
C PRO A 303 -8.57 28.91 1.78
N ASN A 304 -7.27 29.06 1.73
CA ASN A 304 -6.45 29.37 0.57
CA ASN A 304 -6.70 29.35 0.41
C ASN A 304 -5.94 28.11 -0.14
C ASN A 304 -6.21 28.12 -0.33
N LEU A 305 -6.44 26.95 0.24
CA LEU A 305 -6.15 25.71 -0.52
C LEU A 305 -6.88 25.75 -1.87
N ASN A 306 -6.26 25.17 -2.90
CA ASN A 306 -6.81 25.30 -4.23
C ASN A 306 -7.78 24.21 -4.58
N SER A 307 -8.39 24.34 -5.76
CA SER A 307 -9.45 23.45 -6.19
C SER A 307 -8.92 22.07 -6.58
N GLU A 308 -7.62 21.92 -6.74
CA GLU A 308 -7.06 20.60 -7.06
C GLU A 308 -6.92 19.74 -5.80
N VAL A 309 -7.01 20.30 -4.62
CA VAL A 309 -7.07 19.46 -3.40
C VAL A 309 -8.33 18.60 -3.48
N GLY A 310 -8.13 17.28 -3.37
CA GLY A 310 -9.20 16.30 -3.53
C GLY A 310 -9.27 15.62 -4.87
N ALA A 311 -8.67 16.19 -5.91
CA ALA A 311 -8.86 15.72 -7.28
C ALA A 311 -7.81 14.67 -7.66
N GLY A 312 -8.08 13.99 -8.77
CA GLY A 312 -7.07 13.20 -9.40
C GLY A 312 -6.72 11.87 -8.75
N TRP A 313 -7.70 11.26 -8.10
CA TRP A 313 -7.49 9.97 -7.44
C TRP A 313 -7.70 8.84 -8.39
N GLY A 314 -6.86 7.82 -8.33
CA GLY A 314 -7.12 6.56 -9.00
C GLY A 314 -6.57 5.40 -8.18
N PRO A 315 -7.08 4.20 -8.53
CA PRO A 315 -6.69 2.99 -7.76
C PRO A 315 -5.52 2.24 -8.37
N ASN A 316 -4.62 2.93 -9.08
CA ASN A 316 -3.49 2.27 -9.75
C ASN A 316 -3.96 1.20 -10.70
N GLY A 317 -5.17 1.36 -11.26
CA GLY A 317 -5.70 0.39 -12.19
C GLY A 317 -5.86 -0.98 -11.60
N ASN A 318 -6.05 -1.13 -10.27
CA ASN A 318 -6.05 -2.43 -9.62
C ASN A 318 -7.30 -3.25 -10.00
N ILE A 319 -7.07 -4.49 -10.41
CA ILE A 319 -8.13 -5.44 -10.72
C ILE A 319 -7.64 -6.82 -10.26
N MET A 320 -8.47 -7.61 -9.64
CA MET A 320 -8.10 -9.01 -9.28
CA MET A 320 -8.15 -8.98 -9.22
C MET A 320 -8.94 -10.00 -10.08
C MET A 320 -8.88 -9.95 -10.16
N THR A 321 -8.26 -11.07 -10.52
CA THR A 321 -8.92 -12.12 -11.26
C THR A 321 -8.29 -13.45 -10.98
N ALA A 322 -8.93 -14.51 -11.41
CA ALA A 322 -8.46 -15.86 -11.12
C ALA A 322 -8.84 -16.78 -12.27
N ARG A 323 -7.90 -17.69 -12.53
CA ARG A 323 -8.07 -18.75 -13.54
C ARG A 323 -8.16 -20.09 -12.83
N ALA A 324 -9.03 -20.95 -13.35
CA ALA A 324 -9.19 -22.33 -12.86
C ALA A 324 -8.25 -23.22 -13.62
N ASN A 325 -7.26 -23.82 -12.95
CA ASN A 325 -6.37 -24.73 -13.62
C ASN A 325 -7.03 -26.08 -13.82
N HIS A 326 -6.56 -26.81 -14.81
CA HIS A 326 -6.98 -28.21 -14.94
C HIS A 326 -6.48 -29.00 -13.76
N MET A 327 -7.12 -30.16 -13.53
CA MET A 327 -6.79 -31.02 -12.42
C MET A 327 -5.32 -31.40 -12.34
N TRP A 328 -4.70 -31.59 -13.52
CA TRP A 328 -3.30 -31.98 -13.63
C TRP A 328 -2.31 -30.84 -13.45
N ASN A 329 -2.78 -29.62 -13.24
CA ASN A 329 -1.94 -28.45 -12.96
C ASN A 329 -2.30 -27.84 -11.59
N PRO A 330 -2.16 -28.62 -10.51
CA PRO A 330 -2.39 -28.05 -9.17
C PRO A 330 -1.37 -26.96 -8.87
N THR A 331 -1.80 -26.02 -8.04
CA THR A 331 -0.91 -24.90 -7.66
C THR A 331 -0.22 -25.14 -6.33
N GLY A 332 -0.60 -26.16 -5.58
CA GLY A 332 0.03 -26.61 -4.38
C GLY A 332 -0.69 -26.14 -3.15
N ALA A 333 -0.65 -26.98 -2.09
CA ALA A 333 -1.20 -26.60 -0.80
C ALA A 333 -0.33 -25.59 -0.07
N HIS A 334 0.95 -25.56 -0.36
CA HIS A 334 1.93 -24.70 0.33
CA HIS A 334 1.93 -24.73 0.33
C HIS A 334 2.35 -23.59 -0.63
C HIS A 334 2.36 -23.59 -0.58
N GLN A 335 1.88 -22.40 -0.32
CA GLN A 335 2.15 -21.22 -1.19
C GLN A 335 2.73 -20.14 -0.30
N SER A 336 3.95 -19.71 -0.62
CA SER A 336 4.49 -18.56 0.09
C SER A 336 3.52 -17.37 -0.06
N SER A 337 3.34 -16.61 1.04
CA SER A 337 2.45 -15.46 1.07
CA SER A 337 2.42 -15.48 0.93
C SER A 337 3.08 -14.27 0.38
C SER A 337 3.03 -14.31 0.19
N ILE A 338 4.34 -14.35 -0.01
CA ILE A 338 5.05 -13.25 -0.64
C ILE A 338 5.18 -13.56 -2.15
N PRO A 339 4.60 -12.75 -3.03
CA PRO A 339 4.75 -13.04 -4.47
CA PRO A 339 4.66 -13.05 -4.50
C PRO A 339 6.20 -12.95 -4.85
C PRO A 339 5.91 -12.69 -5.31
N ALA A 340 6.64 -13.68 -5.81
CA ALA A 340 8.00 -13.55 -6.34
C ALA A 340 8.04 -13.31 -7.84
N LEU A 341 6.94 -13.58 -8.57
CA LEU A 341 6.86 -13.47 -9.99
CA LEU A 341 6.83 -13.63 -10.62
C LEU A 341 5.71 -12.55 -10.43
C LEU A 341 5.61 -12.80 -10.64
N GLY A 342 5.91 -11.88 -11.56
CA GLY A 342 4.88 -11.11 -12.18
C GLY A 342 4.94 -11.34 -13.70
N ILE A 343 3.91 -10.85 -14.33
CA ILE A 343 3.83 -10.83 -15.81
C ILE A 343 3.88 -9.37 -16.21
N ASP A 344 4.96 -8.94 -16.86
CA ASP A 344 5.10 -7.56 -17.31
C ASP A 344 4.64 -7.50 -18.78
N ALA A 345 3.40 -7.05 -19.00
CA ALA A 345 2.86 -6.78 -20.31
C ALA A 345 2.52 -5.29 -20.40
N TRP A 346 3.38 -4.47 -19.86
CA TRP A 346 3.19 -3.05 -19.78
C TRP A 346 4.06 -2.37 -20.82
N ASP A 347 3.46 -1.72 -21.83
CA ASP A 347 4.20 -1.01 -22.88
C ASP A 347 3.79 0.46 -22.98
N ASN A 348 3.03 0.96 -22.02
CA ASN A 348 2.55 2.35 -21.89
C ASN A 348 1.30 2.58 -22.74
N SER A 349 0.86 1.59 -23.51
CA SER A 349 -0.39 1.75 -24.23
C SER A 349 -1.59 1.46 -23.35
N ASP A 350 -2.81 1.70 -23.83
CA ASP A 350 -4.01 1.50 -23.08
C ASP A 350 -4.27 0.03 -22.75
N SER A 351 -3.58 -0.93 -23.43
CA SER A 351 -3.71 -2.36 -23.12
C SER A 351 -2.69 -2.83 -22.09
N SER A 352 -1.88 -1.92 -21.57
CA SER A 352 -0.86 -2.31 -20.61
C SER A 352 -1.39 -3.03 -19.38
N VAL A 353 -0.67 -4.06 -18.98
CA VAL A 353 -0.93 -4.77 -17.73
C VAL A 353 0.38 -5.18 -17.10
N PHE A 354 0.55 -4.92 -15.79
CA PHE A 354 1.63 -5.54 -15.04
CA PHE A 354 1.59 -5.51 -14.96
C PHE A 354 0.91 -6.33 -13.96
C PHE A 354 0.90 -6.35 -13.93
N ALA A 355 1.09 -7.63 -13.95
N ALA A 355 0.95 -7.69 -13.94
CA ALA A 355 0.35 -8.47 -13.06
CA ALA A 355 0.12 -8.43 -13.00
C ALA A 355 1.23 -9.19 -12.06
C ALA A 355 0.92 -9.37 -12.11
N GLU A 356 0.77 -9.21 -10.82
CA GLU A 356 1.36 -10.05 -9.79
C GLU A 356 0.73 -11.46 -9.87
N ILE A 357 1.58 -12.49 -9.82
CA ILE A 357 1.09 -13.86 -9.66
C ILE A 357 0.94 -14.06 -8.16
N ALA A 358 -0.29 -14.05 -7.68
CA ALA A 358 -0.59 -13.93 -6.25
C ALA A 358 -0.82 -15.30 -5.65
N PRO A 359 -0.32 -15.53 -4.43
CA PRO A 359 -0.61 -16.77 -3.74
C PRO A 359 -2.05 -16.86 -3.22
N MET A 360 -2.56 -18.06 -3.13
CA MET A 360 -3.83 -18.43 -2.49
CA MET A 360 -3.79 -18.42 -2.51
C MET A 360 -3.61 -18.95 -1.07
C MET A 360 -3.47 -18.62 -1.04
N PRO A 361 -4.05 -18.30 0.03
N PRO A 361 -4.18 -17.88 -0.22
CA PRO A 361 -3.70 -18.67 1.40
CA PRO A 361 -4.27 -18.29 1.17
C PRO A 361 -4.51 -19.81 2.01
C PRO A 361 -5.38 -19.34 1.21
N ALA A 362 -5.10 -20.64 1.29
CA ALA A 362 -6.01 -21.67 1.79
C ALA A 362 -5.29 -22.79 2.54
N GLY A 363 -4.03 -23.02 2.20
CA GLY A 363 -3.35 -24.11 2.87
C GLY A 363 -3.72 -25.49 2.39
N LEU A 364 -4.50 -25.58 1.34
N LEU A 364 -4.51 -25.57 1.33
CA LEU A 364 -4.87 -26.86 0.76
CA LEU A 364 -5.17 -26.68 0.72
C LEU A 364 -5.01 -26.58 -0.73
C LEU A 364 -5.21 -26.52 -0.80
N GLU A 365 -5.12 -27.62 -1.55
CA GLU A 365 -5.17 -27.46 -3.01
C GLU A 365 -6.50 -26.86 -3.44
N THR A 366 -6.45 -25.87 -4.28
CA THR A 366 -7.62 -25.20 -4.86
C THR A 366 -7.62 -25.19 -6.41
N TRP A 367 -6.52 -25.45 -7.02
CA TRP A 367 -6.32 -25.34 -8.48
C TRP A 367 -6.45 -23.90 -8.97
N VAL A 368 -6.55 -22.90 -8.07
CA VAL A 368 -6.70 -21.51 -8.54
C VAL A 368 -5.38 -20.87 -8.82
N SER A 369 -5.26 -20.15 -9.90
CA SER A 369 -4.21 -19.15 -10.08
C SER A 369 -4.90 -17.77 -9.90
N LEU A 370 -4.35 -16.95 -8.99
CA LEU A 370 -4.86 -15.64 -8.64
C LEU A 370 -3.90 -14.59 -9.15
N TYR A 371 -4.45 -13.46 -9.60
CA TYR A 371 -3.63 -12.39 -10.16
C TYR A 371 -4.15 -11.03 -9.70
N LEU A 372 -3.23 -10.14 -9.38
CA LEU A 372 -3.56 -8.72 -9.14
C LEU A 372 -2.95 -7.93 -10.28
N ALA A 373 -3.80 -7.39 -11.19
CA ALA A 373 -3.38 -6.63 -12.32
C ALA A 373 -3.35 -5.14 -12.01
N ILE A 374 -2.31 -4.50 -12.53
CA ILE A 374 -2.13 -3.05 -12.55
C ILE A 374 -2.27 -2.63 -13.99
N THR A 375 -3.17 -1.70 -14.28
CA THR A 375 -3.57 -1.31 -15.61
C THR A 375 -3.48 0.21 -15.78
N LYS A 376 -3.69 0.68 -17.02
CA LYS A 376 -3.60 2.10 -17.39
C LYS A 376 -5.00 2.55 -17.74
N ASN A 377 -5.69 3.18 -16.82
CA ASN A 377 -7.09 3.59 -16.95
C ASN A 377 -7.12 5.06 -16.61
N PRO A 378 -7.50 5.94 -17.53
CA PRO A 378 -7.44 7.38 -17.27
C PRO A 378 -8.49 7.93 -16.33
N GLN A 379 -9.50 7.11 -15.98
CA GLN A 379 -10.57 7.61 -15.12
C GLN A 379 -9.98 8.03 -13.76
N ARG A 380 -10.51 9.10 -13.21
CA ARG A 380 -10.15 9.58 -11.87
C ARG A 380 -11.37 9.93 -11.08
N GLY A 381 -11.25 9.81 -9.73
CA GLY A 381 -12.21 10.26 -8.80
C GLY A 381 -11.78 11.48 -8.02
N THR A 382 -12.71 12.03 -7.27
CA THR A 382 -12.52 13.18 -6.45
C THR A 382 -13.06 12.93 -5.04
N PHE A 383 -12.29 13.42 -4.06
CA PHE A 383 -12.78 13.45 -2.68
C PHE A 383 -13.54 14.73 -2.42
N VAL A 384 -14.75 14.61 -1.99
CA VAL A 384 -15.69 15.72 -1.71
CA VAL A 384 -15.47 15.87 -1.72
C VAL A 384 -16.11 15.78 -0.26
C VAL A 384 -15.67 15.82 -0.21
N TYR A 385 -15.93 16.96 0.35
CA TYR A 385 -16.22 17.06 1.78
C TYR A 385 -17.69 16.93 2.07
N ASP A 386 -17.97 16.09 3.07
CA ASP A 386 -19.32 15.96 3.59
C ASP A 386 -19.32 16.57 4.99
N ALA A 387 -19.80 17.79 5.12
CA ALA A 387 -19.81 18.46 6.37
C ALA A 387 -20.74 17.80 7.38
N ALA A 388 -21.75 17.06 6.91
CA ALA A 388 -22.67 16.43 7.83
C ALA A 388 -21.95 15.40 8.68
N THR A 389 -21.15 14.54 8.07
CA THR A 389 -20.44 13.49 8.78
C THR A 389 -18.98 13.84 9.09
N ASP A 390 -18.48 14.95 8.59
CA ASP A 390 -17.08 15.36 8.73
C ASP A 390 -16.14 14.35 8.12
N ARG A 391 -16.45 13.91 6.90
CA ARG A 391 -15.64 12.96 6.13
C ARG A 391 -15.47 13.47 4.70
N ALA A 392 -14.31 13.22 4.10
N ALA A 392 -14.28 13.11 4.23
CA ALA A 392 -14.08 13.48 2.66
CA ALA A 392 -14.08 13.17 2.77
C ALA A 392 -14.38 12.19 1.90
C ALA A 392 -14.72 11.90 2.23
N LYS A 393 -15.46 12.15 1.13
CA LYS A 393 -16.09 10.99 0.48
C LYS A 393 -15.57 10.87 -0.93
N LEU A 394 -15.08 9.74 -1.34
CA LEU A 394 -14.59 9.49 -2.68
C LEU A 394 -15.73 9.25 -3.64
N ASN A 395 -15.83 10.00 -4.75
N ASN A 395 -15.84 10.16 -4.61
CA ASN A 395 -17.02 9.91 -5.60
CA ASN A 395 -16.69 10.12 -5.78
C ASN A 395 -16.90 8.91 -6.74
C ASN A 395 -15.89 9.30 -6.78
N TRP A 396 -16.02 8.00 -6.74
CA TRP A 396 -15.73 7.02 -7.75
C TRP A 396 -16.92 6.13 -8.00
N THR A 397 -17.22 5.81 -9.26
CA THR A 397 -18.26 4.87 -9.59
C THR A 397 -17.64 3.61 -10.21
N ARG A 398 -18.25 2.45 -10.04
CA ARG A 398 -17.67 1.16 -10.49
C ARG A 398 -17.51 1.14 -12.02
N ASP A 399 -18.41 1.87 -12.72
CA ASP A 399 -18.20 1.91 -14.19
C ASP A 399 -16.89 2.59 -14.56
N GLN A 400 -16.31 3.38 -13.67
CA GLN A 400 -15.01 4.04 -13.99
C GLN A 400 -13.89 3.04 -14.06
N ASN A 401 -14.07 1.79 -13.55
CA ASN A 401 -13.04 0.79 -13.73
C ASN A 401 -13.23 -0.04 -15.00
N ALA A 402 -14.19 0.22 -15.86
CA ALA A 402 -14.35 -0.59 -17.05
C ALA A 402 -13.09 -0.62 -17.90
N PRO A 403 -12.34 0.47 -18.09
CA PRO A 403 -11.13 0.36 -18.93
C PRO A 403 -10.09 -0.58 -18.31
N ALA A 404 -10.01 -0.60 -16.97
CA ALA A 404 -9.09 -1.48 -16.24
C ALA A 404 -9.48 -2.92 -16.41
N VAL A 405 -10.78 -3.21 -16.23
CA VAL A 405 -11.31 -4.57 -16.43
C VAL A 405 -10.97 -5.00 -17.87
N ASN A 406 -11.24 -4.12 -18.82
CA ASN A 406 -11.03 -4.50 -20.23
C ASN A 406 -9.59 -4.88 -20.53
N ALA A 407 -8.65 -4.13 -19.99
CA ALA A 407 -7.26 -4.44 -20.22
C ALA A 407 -6.84 -5.71 -19.54
N ALA A 408 -7.26 -5.92 -18.29
CA ALA A 408 -6.95 -7.14 -17.57
C ALA A 408 -7.51 -8.38 -18.33
N LYS A 409 -8.76 -8.24 -18.74
CA LYS A 409 -9.39 -9.36 -19.41
C LYS A 409 -8.73 -9.67 -20.73
N ALA A 410 -8.28 -8.68 -21.48
CA ALA A 410 -7.63 -8.99 -22.75
C ALA A 410 -6.37 -9.82 -22.50
N LEU A 411 -5.59 -9.53 -21.47
CA LEU A 411 -4.38 -10.29 -21.19
C LEU A 411 -4.72 -11.68 -20.78
N PHE A 412 -5.62 -11.83 -19.79
CA PHE A 412 -5.90 -13.17 -19.26
C PHE A 412 -6.73 -14.00 -20.20
N ASP A 413 -7.48 -13.35 -21.13
CA ASP A 413 -8.15 -14.13 -22.19
C ASP A 413 -7.12 -14.81 -23.06
N ARG A 414 -5.99 -14.14 -23.36
CA ARG A 414 -4.94 -14.74 -24.16
CA ARG A 414 -4.97 -14.83 -24.14
C ARG A 414 -4.32 -15.93 -23.46
C ARG A 414 -4.51 -16.08 -23.39
N ILE A 415 -4.16 -15.87 -22.11
CA ILE A 415 -3.66 -17.00 -21.35
C ILE A 415 -4.64 -18.15 -21.31
N ASN A 416 -5.93 -17.87 -21.04
CA ASN A 416 -6.92 -18.89 -21.09
C ASN A 416 -7.00 -19.59 -22.41
N LYS A 417 -6.96 -18.80 -23.50
CA LYS A 417 -7.07 -19.40 -24.84
C LYS A 417 -5.93 -20.37 -25.12
N ALA A 418 -4.71 -20.01 -24.74
CA ALA A 418 -3.55 -20.85 -25.02
C ALA A 418 -3.56 -22.11 -24.20
N ASN A 419 -4.33 -22.19 -23.09
CA ASN A 419 -4.22 -23.25 -22.14
C ASN A 419 -5.51 -24.03 -21.98
N GLY A 420 -6.56 -23.63 -22.65
CA GLY A 420 -7.85 -24.28 -22.56
C GLY A 420 -8.56 -24.16 -21.24
N THR A 421 -8.25 -23.08 -20.49
CA THR A 421 -8.85 -22.86 -19.18
C THR A 421 -9.89 -21.76 -19.27
N ILE A 422 -10.66 -21.67 -18.17
CA ILE A 422 -11.61 -20.58 -17.99
C ILE A 422 -11.32 -19.84 -16.69
N TYR A 423 -11.94 -18.69 -16.52
CA TYR A 423 -11.91 -17.96 -15.27
C TYR A 423 -12.72 -18.69 -14.22
N ARG A 424 -12.35 -18.45 -12.95
CA ARG A 424 -13.31 -18.61 -11.86
C ARG A 424 -14.27 -17.41 -11.81
N TYR A 425 -15.55 -17.62 -11.46
CA TYR A 425 -16.52 -16.60 -11.36
C TYR A 425 -17.14 -16.45 -9.98
N ASP A 426 -16.65 -17.28 -9.03
CA ASP A 426 -17.23 -17.50 -7.75
C ASP A 426 -16.37 -17.03 -6.59
N LEU A 427 -15.25 -16.39 -6.83
CA LEU A 427 -14.31 -16.08 -5.75
C LEU A 427 -14.59 -14.78 -5.00
N PHE A 428 -15.40 -13.93 -5.57
CA PHE A 428 -15.66 -12.54 -5.14
C PHE A 428 -17.13 -12.29 -4.85
N GLY A 429 -17.82 -13.27 -4.27
CA GLY A 429 -19.23 -13.14 -3.92
C GLY A 429 -20.12 -14.05 -4.72
N THR A 430 -21.42 -14.05 -4.34
CA THR A 430 -22.30 -15.09 -4.89
C THR A 430 -22.69 -14.76 -6.31
N GLN A 431 -22.66 -13.49 -6.73
N GLN A 431 -22.58 -13.49 -6.69
CA GLN A 431 -23.01 -13.25 -8.15
CA GLN A 431 -22.79 -13.16 -8.10
C GLN A 431 -21.80 -13.49 -9.05
C GLN A 431 -21.70 -13.76 -8.96
N LEU A 432 -22.03 -14.06 -10.23
CA LEU A 432 -20.93 -14.48 -11.11
C LEU A 432 -20.09 -13.28 -11.51
N LYS A 433 -18.84 -13.24 -11.21
CA LYS A 433 -17.95 -12.10 -11.41
C LYS A 433 -16.52 -12.60 -11.46
N ALA A 434 -15.86 -12.49 -12.58
CA ALA A 434 -14.50 -12.92 -12.76
C ALA A 434 -13.48 -11.86 -12.39
N PHE A 435 -13.86 -10.61 -12.40
CA PHE A 435 -12.96 -9.51 -12.16
C PHE A 435 -13.44 -8.66 -10.99
N ALA A 436 -12.63 -8.59 -9.92
CA ALA A 436 -12.94 -7.71 -8.79
C ALA A 436 -12.48 -6.34 -9.16
N ASP A 437 -13.43 -5.39 -9.16
CA ASP A 437 -13.27 -4.06 -9.76
C ASP A 437 -13.68 -2.93 -8.81
N ASP A 438 -13.83 -3.25 -7.54
CA ASP A 438 -14.31 -2.28 -6.55
C ASP A 438 -13.48 -2.32 -5.27
N PHE A 439 -12.21 -2.65 -5.42
CA PHE A 439 -11.24 -2.60 -4.33
C PHE A 439 -10.02 -1.86 -4.82
N CYS A 440 -9.18 -1.46 -3.84
N CYS A 440 -9.16 -1.46 -3.90
CA CYS A 440 -7.91 -0.85 -4.12
CA CYS A 440 -7.79 -1.24 -4.34
C CYS A 440 -6.93 -1.16 -3.00
C CYS A 440 -6.96 -1.25 -3.07
N TYR A 441 -5.75 -1.67 -3.33
CA TYR A 441 -4.65 -1.74 -2.39
C TYR A 441 -3.65 -0.56 -2.56
N HIS A 442 -3.69 0.08 -3.73
CA HIS A 442 -2.71 1.09 -4.15
C HIS A 442 -3.41 2.42 -4.45
N PRO A 443 -3.96 3.09 -3.42
CA PRO A 443 -4.66 4.36 -3.69
C PRO A 443 -3.59 5.41 -4.06
N LEU A 444 -3.83 6.16 -5.14
CA LEU A 444 -2.88 7.15 -5.60
C LEU A 444 -3.61 8.44 -5.97
N GLY A 445 -3.17 9.56 -5.41
CA GLY A 445 -3.71 10.85 -5.80
C GLY A 445 -4.59 11.47 -4.74
N GLY A 446 -5.22 12.60 -5.09
CA GLY A 446 -5.91 13.43 -4.15
C GLY A 446 -5.24 14.75 -3.86
N CYS A 447 -3.91 14.78 -3.91
CA CYS A 447 -3.13 15.99 -3.67
CA CYS A 447 -3.12 16.01 -3.64
C CYS A 447 -1.94 16.06 -4.62
C CYS A 447 -1.96 16.02 -4.63
N VAL A 448 -2.29 16.00 -5.93
CA VAL A 448 -1.33 15.64 -6.95
C VAL A 448 -0.20 16.65 -7.09
N LEU A 449 1.02 16.09 -7.23
CA LEU A 449 2.26 16.83 -7.40
C LEU A 449 2.12 17.75 -8.59
N GLY A 450 2.32 19.04 -8.39
CA GLY A 450 2.21 20.01 -9.47
C GLY A 450 0.84 20.54 -9.71
N LYS A 451 -0.15 20.01 -9.03
CA LYS A 451 -1.56 20.37 -9.15
CA LYS A 451 -1.51 20.55 -9.16
C LYS A 451 -2.01 21.04 -7.88
C LYS A 451 -2.08 21.06 -7.87
N ALA A 452 -2.12 20.24 -6.82
CA ALA A 452 -2.45 20.74 -5.47
C ALA A 452 -1.25 21.32 -4.78
N THR A 453 -0.06 20.95 -5.25
CA THR A 453 1.21 21.30 -4.69
C THR A 453 2.14 21.81 -5.80
N ASP A 454 3.33 22.32 -5.43
CA ASP A 454 4.40 22.53 -6.38
C ASP A 454 5.04 21.19 -6.72
N ASP A 455 6.14 21.22 -7.47
CA ASP A 455 6.75 19.98 -7.94
C ASP A 455 7.54 19.21 -6.87
N TYR A 456 7.55 19.74 -5.63
CA TYR A 456 8.21 19.08 -4.50
C TYR A 456 7.23 18.82 -3.35
N GLY A 457 5.95 18.97 -3.60
CA GLY A 457 4.96 18.68 -2.56
C GLY A 457 4.65 19.82 -1.64
N ARG A 458 5.12 21.06 -1.94
CA ARG A 458 4.73 22.20 -1.15
C ARG A 458 3.27 22.54 -1.50
N VAL A 459 2.40 22.55 -0.52
CA VAL A 459 0.98 22.79 -0.76
C VAL A 459 0.76 24.21 -1.30
N ALA A 460 0.06 24.33 -2.41
CA ALA A 460 -0.14 25.64 -3.00
C ALA A 460 -0.99 26.51 -2.05
N GLY A 461 -0.54 27.76 -1.91
CA GLY A 461 -1.25 28.72 -1.07
C GLY A 461 -0.62 28.93 0.31
N TYR A 462 0.29 28.05 0.72
CA TYR A 462 0.82 28.02 2.06
C TYR A 462 2.31 27.79 2.05
N LYS A 463 2.97 28.32 3.07
CA LYS A 463 4.39 28.16 3.30
C LYS A 463 4.63 27.12 4.38
N ASN A 464 5.68 26.32 4.23
CA ASN A 464 6.08 25.34 5.24
C ASN A 464 5.01 24.27 5.54
N LEU A 465 4.23 23.99 4.50
CA LEU A 465 3.15 22.96 4.52
C LEU A 465 3.40 22.01 3.38
N TYR A 466 3.67 20.74 3.68
CA TYR A 466 4.16 19.81 2.72
C TYR A 466 3.33 18.53 2.71
N VAL A 467 3.14 17.94 1.55
CA VAL A 467 2.53 16.61 1.40
C VAL A 467 3.63 15.70 0.81
N THR A 468 3.70 14.46 1.34
CA THR A 468 4.85 13.62 1.10
C THR A 468 4.61 12.24 0.53
N ASP A 469 3.36 11.86 0.30
CA ASP A 469 2.99 10.45 0.25
C ASP A 469 2.24 10.10 -1.08
N GLY A 470 1.51 8.99 -1.05
CA GLY A 470 0.84 8.54 -2.24
C GLY A 470 -0.23 9.53 -2.76
N SER A 471 -0.65 10.48 -1.95
CA SER A 471 -1.58 11.50 -2.48
CA SER A 471 -1.50 11.56 -2.43
C SER A 471 -0.96 12.36 -3.55
C SER A 471 -0.95 12.26 -3.66
N LEU A 472 0.37 12.38 -3.67
CA LEU A 472 1.05 13.16 -4.71
C LEU A 472 0.98 12.55 -6.08
N ILE A 473 0.84 11.22 -6.15
CA ILE A 473 1.00 10.52 -7.41
C ILE A 473 -0.27 10.60 -8.22
N PRO A 474 -0.21 10.91 -9.52
CA PRO A 474 -1.39 11.09 -10.39
CA PRO A 474 -1.51 11.15 -10.21
C PRO A 474 -2.04 9.78 -10.78
C PRO A 474 -2.24 9.93 -10.72
N GLY A 475 -2.59 9.07 -9.78
CA GLY A 475 -3.52 7.93 -9.99
C GLY A 475 -2.94 6.63 -10.47
N SER A 476 -1.71 6.60 -10.93
CA SER A 476 -1.15 5.44 -11.60
C SER A 476 0.35 5.50 -11.65
N VAL A 477 1.02 4.38 -11.40
CA VAL A 477 2.46 4.29 -11.67
CA VAL A 477 2.46 4.67 -11.51
C VAL A 477 2.84 3.06 -12.47
N GLY A 478 1.90 2.18 -12.78
CA GLY A 478 2.18 1.06 -13.65
C GLY A 478 2.83 -0.14 -12.99
N VAL A 479 3.15 -0.02 -11.70
CA VAL A 479 3.85 -1.03 -10.91
C VAL A 479 3.34 -0.87 -9.49
N ASN A 480 3.69 -1.80 -8.62
CA ASN A 480 3.45 -1.65 -7.18
C ASN A 480 4.09 -0.35 -6.70
N PRO A 481 3.38 0.50 -5.96
CA PRO A 481 3.81 1.91 -5.82
C PRO A 481 4.79 2.30 -4.73
N PHE A 482 5.11 1.46 -3.72
CA PHE A 482 5.84 2.07 -2.60
C PHE A 482 7.27 2.51 -2.96
N VAL A 483 7.94 1.88 -3.88
CA VAL A 483 9.28 2.36 -4.24
C VAL A 483 9.21 3.77 -4.84
N THR A 484 8.19 4.03 -5.68
CA THR A 484 8.02 5.37 -6.24
C THR A 484 7.72 6.37 -5.16
N ILE A 485 6.81 6.02 -4.23
CA ILE A 485 6.47 6.94 -3.15
C ILE A 485 7.73 7.27 -2.37
N THR A 486 8.54 6.23 -2.04
CA THR A 486 9.75 6.45 -1.26
C THR A 486 10.75 7.33 -1.99
N ALA A 487 10.99 7.03 -3.26
CA ALA A 487 12.00 7.80 -4.04
C ALA A 487 11.53 9.23 -4.24
N LEU A 488 10.26 9.46 -4.53
CA LEU A 488 9.77 10.82 -4.63
C LEU A 488 9.92 11.54 -3.30
N ALA A 489 9.64 10.84 -2.19
CA ALA A 489 9.79 11.47 -0.90
C ALA A 489 11.22 11.85 -0.61
N GLU A 490 12.17 11.00 -1.03
CA GLU A 490 13.59 11.32 -0.88
C GLU A 490 13.92 12.58 -1.64
N ARG A 491 13.45 12.65 -2.89
CA ARG A 491 13.70 13.86 -3.71
C ARG A 491 13.12 15.10 -3.04
N ASN A 492 11.87 14.98 -2.59
CA ASN A 492 11.18 16.17 -2.08
C ASN A 492 11.79 16.69 -0.80
N VAL A 493 12.04 15.80 0.15
CA VAL A 493 12.51 16.27 1.44
C VAL A 493 13.93 16.80 1.30
N GLU A 494 14.74 16.23 0.41
CA GLU A 494 16.11 16.79 0.25
C GLU A 494 16.04 18.25 -0.21
N ARG A 495 15.15 18.50 -1.19
CA ARG A 495 15.01 19.88 -1.72
C ARG A 495 14.41 20.79 -0.67
N ILE A 496 13.38 20.34 0.02
CA ILE A 496 12.73 21.16 1.03
C ILE A 496 13.68 21.51 2.14
N ILE A 497 14.46 20.56 2.62
CA ILE A 497 15.41 20.88 3.68
C ILE A 497 16.40 21.91 3.17
N LYS A 498 16.96 21.69 1.97
CA LYS A 498 17.96 22.62 1.45
C LYS A 498 17.39 24.04 1.30
N GLN A 499 16.18 24.18 0.72
CA GLN A 499 15.68 25.48 0.33
C GLN A 499 14.89 26.16 1.47
N ASP A 500 14.23 25.39 2.36
CA ASP A 500 13.24 25.94 3.27
C ASP A 500 13.58 25.85 4.73
N VAL A 501 14.42 24.90 5.12
CA VAL A 501 14.49 24.55 6.55
C VAL A 501 15.77 25.00 7.17
N THR A 502 15.69 25.43 8.42
CA THR A 502 16.65 25.68 9.48
C THR A 502 16.71 24.62 10.58
N ALA A 503 17.87 24.05 10.90
CA ALA A 503 18.13 23.16 12.04
C ALA A 503 17.64 23.73 13.39
S SO4 B . -3.35 -29.46 -21.56
O1 SO4 B . -3.84 -28.39 -22.48
O2 SO4 B . -4.45 -30.47 -21.51
O3 SO4 B . -2.99 -28.83 -20.24
O4 SO4 B . -2.12 -30.12 -22.02
PA FAD C . 0.50 4.68 4.20
O1A FAD C . 1.56 3.64 4.11
O2A FAD C . -0.92 4.24 3.99
O5B FAD C . 0.68 5.35 5.63
C5B FAD C . -0.22 6.39 6.15
C4B FAD C . -0.11 6.32 7.64
O4B FAD C . -0.75 7.50 8.16
C3B FAD C . -0.78 5.09 8.31
O3B FAD C . 0.05 4.44 9.27
C2B FAD C . -2.05 5.70 8.93
O2B FAD C . -2.62 5.03 10.02
C1B FAD C . -1.60 7.12 9.26
N9A FAD C . -2.67 8.11 9.35
C8A FAD C . -3.64 8.31 8.44
N7A FAD C . -4.42 9.40 8.74
C5A FAD C . -3.84 9.89 9.92
C6A FAD C . -4.16 10.97 10.74
N6A FAD C . -5.17 11.83 10.44
N1A FAD C . -3.44 11.18 11.86
C2A FAD C . -2.44 10.31 12.15
N3A FAD C . -2.03 9.25 11.42
C4A FAD C . -2.75 9.08 10.31
N1 FAD C . 2.69 -1.52 -2.56
C2 FAD C . 3.81 -2.00 -3.13
O2 FAD C . 4.61 -1.26 -3.74
N3 FAD C . 4.12 -3.35 -3.01
C4 FAD C . 3.25 -4.31 -2.49
O4 FAD C . 3.59 -5.50 -2.48
C4X FAD C . 2.01 -3.81 -2.06
N5 FAD C . 1.05 -4.71 -1.55
C5X FAD C . -0.03 -4.16 -0.92
C6 FAD C . -0.99 -5.01 -0.36
C7 FAD C . -1.98 -4.53 0.45
C7M FAD C . -3.02 -5.52 1.03
C8 FAD C . -2.05 -3.18 0.77
C8M FAD C . -3.14 -2.60 1.63
C9 FAD C . -1.11 -2.32 0.21
C9A FAD C . -0.16 -2.75 -0.67
N10 FAD C . 0.78 -1.90 -1.35
C10 FAD C . 1.85 -2.41 -1.99
C1' FAD C . 0.54 -0.43 -1.33
C2' FAD C . 1.46 0.28 -0.33
O2' FAD C . 1.41 -0.37 0.92
C3' FAD C . 1.02 1.76 -0.25
O3' FAD C . 1.08 2.27 -1.59
C4' FAD C . 1.90 2.58 0.67
O4' FAD C . 1.86 2.01 1.97
C5' FAD C . 1.39 4.03 0.70
O5' FAD C . 2.34 4.79 1.49
P FAD C . 1.91 6.20 2.08
O1P FAD C . 3.10 6.75 2.74
O2P FAD C . 1.20 7.02 1.04
O3P FAD C . 0.77 5.85 3.17
H51A FAD C . -1.14 6.23 5.87
H52A FAD C . 0.05 7.27 5.83
H4B FAD C . 0.84 6.34 7.88
H3B FAD C . -1.04 4.46 7.61
HO3A FAD C . 0.23 4.96 9.87
H2B FAD C . -2.72 5.76 8.23
HO2A FAD C . -2.18 4.36 10.19
H1B FAD C . -1.08 7.12 10.09
H8A FAD C . -3.77 7.78 7.68
H61A FAD C . -5.35 12.49 10.96
H62A FAD C . -5.63 11.71 9.72
H2A FAD C . -1.98 10.45 12.94
HN3 FAD C . 4.90 -3.61 -3.28
H6 FAD C . -0.95 -5.93 -0.53
HM71 FAD C . -2.87 -6.38 0.65
HM72 FAD C . -3.89 -5.20 0.81
HM73 FAD C . -2.90 -5.55 1.98
HM81 FAD C . -3.95 -2.62 1.13
HM82 FAD C . -2.90 -1.71 1.85
HM83 FAD C . -3.21 -3.13 2.42
H9 FAD C . -1.15 -1.42 0.43
H1'1 FAD C . -0.38 -0.25 -1.09
H1'2 FAD C . 0.70 -0.07 -2.22
H2' FAD C . 2.39 0.24 -0.67
HO2' FAD C . 1.37 0.18 1.52
H3' FAD C . 0.09 1.80 0.07
HO3' FAD C . 1.84 2.54 -1.74
H4' FAD C . 2.81 2.56 0.33
HO4' FAD C . 1.67 2.59 2.51
H5'1 FAD C . 1.34 4.39 -0.20
H5'2 FAD C . 0.51 4.07 1.10
O1 OXY D . 2.02 -5.89 -10.60
O2 OXY D . 2.59 -6.41 -9.57
#